data_8V8B
#
_entry.id   8V8B
#
_cell.length_a   1.00
_cell.length_b   1.00
_cell.length_c   1.00
_cell.angle_alpha   90.00
_cell.angle_beta   90.00
_cell.angle_gamma   90.00
#
_symmetry.space_group_name_H-M   'P 1'
#
_entity_poly.entity_id   1
_entity_poly.type   'polypeptide(L)'
_entity_poly.pdbx_seq_one_letter_code
;MLKVNEFETDTDLRGNINYLFNDEANVVYTYDGTESDLLQNVNEVSKYIEHHMDYQRPRLKVLSDYYEGKTKNLVELTRR
KEEYMADNRVAHDYASYISDFINGYFLGNPIQYQDDDKDVLEAIEAFNDLNDVESHNRSLGLDLSIYGKAYELMIRNQDD
ETRLYKSDAMSTFIIYDNTVERNSIAGVRYLRTKPIDKTDEDEVFTVDLFTSHGVYRYLTNRTNGLKLTPRENSFESHSF
ERMPITEFSNNERRKGDYEKVITLIDLYDNAESDTANYMSDLNDAMLLIKGNLNLDPVEVRKQKEANVLFLEPTVYVDAE
GRETEGSVDGGYIYKQYDVQGTEAYKDRLNSDIHMFTNTPNMKDDNFSGTQSGEAMKYKLFGLEQRTKTKEGLFTKGLRR
RAKLLETILKNTRSIDANKDFNTVRYVYNRNLPKSLIEELKAYIDSGGKISQTTLMSLFSFFQDPELEVKKIEEDEKESI
KKAQKGIYKDPRDINDDEQDDDTKDTVDKKE
;
_entity_poly.pdbx_strand_id   A
#
# COMPACT_ATOMS: atom_id res chain seq x y z
N MET A 1 5.23 -31.90 10.64
CA MET A 1 5.40 -31.75 9.18
C MET A 1 6.86 -31.45 8.82
N LEU A 2 7.22 -31.71 7.56
CA LEU A 2 8.48 -31.22 7.03
C LEU A 2 8.51 -29.69 6.98
N LYS A 3 9.71 -29.14 7.09
CA LYS A 3 9.97 -27.75 6.68
C LYS A 3 10.13 -27.72 5.17
N VAL A 4 9.19 -27.08 4.48
CA VAL A 4 9.20 -27.01 3.02
C VAL A 4 9.19 -25.55 2.59
N ASN A 5 10.27 -25.12 1.93
CA ASN A 5 10.41 -23.77 1.39
C ASN A 5 10.11 -22.70 2.44
N GLU A 6 10.84 -22.78 3.56
CA GLU A 6 10.59 -21.94 4.73
C GLU A 6 11.88 -21.30 5.22
N PHE A 7 11.75 -20.13 5.84
CA PHE A 7 12.87 -19.44 6.47
C PHE A 7 13.42 -20.24 7.65
N GLU A 8 14.74 -20.18 7.82
CA GLU A 8 15.43 -20.72 8.99
C GLU A 8 16.27 -19.66 9.71
N THR A 9 16.13 -18.39 9.37
CA THR A 9 16.92 -17.33 9.99
C THR A 9 16.62 -17.18 11.47
N ASP A 10 17.65 -16.79 12.23
CA ASP A 10 17.49 -16.48 13.64
C ASP A 10 16.45 -15.38 13.83
N THR A 11 15.66 -15.50 14.89
CA THR A 11 14.54 -14.58 15.10
C THR A 11 15.01 -13.14 15.34
N ASP A 12 16.23 -12.93 15.80
CA ASP A 12 16.74 -11.57 15.94
C ASP A 12 17.26 -10.99 14.63
N LEU A 13 17.57 -11.83 13.65
CA LEU A 13 18.05 -11.35 12.35
C LEU A 13 16.95 -11.23 11.30
N ARG A 14 15.69 -11.39 11.68
CA ARG A 14 14.57 -11.14 10.77
C ARG A 14 14.53 -9.72 10.23
N GLY A 15 14.16 -9.59 8.96
CA GLY A 15 13.79 -8.31 8.36
C GLY A 15 12.44 -8.32 7.66
N ASN A 16 12.17 -7.27 6.88
CA ASN A 16 10.92 -7.16 6.12
C ASN A 16 10.45 -8.44 5.42
N ILE A 17 11.32 -9.11 4.68
CA ILE A 17 10.94 -10.34 3.98
C ILE A 17 10.37 -11.40 4.93
N ASN A 18 11.05 -11.64 6.06
CA ASN A 18 10.46 -12.48 7.11
C ASN A 18 9.05 -12.03 7.49
N TYR A 19 8.85 -10.76 7.79
CA TYR A 19 7.53 -10.31 8.23
C TYR A 19 6.47 -10.45 7.13
N LEU A 20 6.85 -10.17 5.88
CA LEU A 20 5.93 -10.33 4.75
C LEU A 20 5.52 -11.78 4.53
N PHE A 21 6.50 -12.69 4.41
CA PHE A 21 6.28 -13.97 3.78
C PHE A 21 6.21 -15.16 4.72
N ASN A 22 6.48 -15.01 6.00
CA ASN A 22 6.36 -16.15 6.91
C ASN A 22 4.91 -16.59 7.00
N ASP A 23 4.73 -17.90 7.27
CA ASP A 23 3.44 -18.56 7.08
C ASP A 23 2.34 -18.05 8.02
N GLU A 24 2.67 -17.45 9.15
CA GLU A 24 1.66 -16.96 10.08
C GLU A 24 1.08 -15.59 9.70
N ALA A 25 1.73 -14.85 8.81
CA ALA A 25 1.40 -13.44 8.61
C ALA A 25 0.00 -13.21 8.03
N ASN A 26 -0.62 -14.22 7.41
CA ASN A 26 -1.79 -13.97 6.58
C ASN A 26 -2.84 -15.07 6.74
N VAL A 27 -2.87 -15.72 7.90
CA VAL A 27 -3.86 -16.75 8.21
C VAL A 27 -5.24 -16.16 8.50
N VAL A 28 -6.28 -16.88 8.10
CA VAL A 28 -7.66 -16.59 8.52
C VAL A 28 -7.94 -17.23 9.88
N TYR A 29 -8.45 -16.44 10.82
CA TYR A 29 -8.76 -16.89 12.18
C TYR A 29 -10.09 -17.63 12.24
N THR A 30 -10.06 -18.88 12.72
CA THR A 30 -11.28 -19.65 12.94
C THR A 30 -11.38 -20.10 14.40
N TYR A 31 -12.61 -20.23 14.88
CA TYR A 31 -12.91 -20.75 16.20
C TYR A 31 -13.91 -21.90 16.12
N ASP A 32 -13.56 -23.04 16.73
CA ASP A 32 -14.45 -24.20 16.76
C ASP A 32 -15.47 -24.05 17.89
N GLY A 33 -16.49 -23.24 17.62
CA GLY A 33 -17.50 -22.95 18.61
C GLY A 33 -18.56 -22.00 18.10
N THR A 34 -19.20 -21.28 19.01
CA THR A 34 -20.22 -20.29 18.68
C THR A 34 -19.92 -19.03 19.49
N GLU A 35 -20.58 -17.93 19.13
CA GLU A 35 -20.30 -16.69 19.84
C GLU A 35 -20.68 -16.80 21.31
N SER A 36 -21.69 -17.60 21.66
CA SER A 36 -22.08 -17.72 23.06
C SER A 36 -21.00 -18.39 23.90
N ASP A 37 -20.22 -19.31 23.32
CA ASP A 37 -19.07 -19.86 24.03
C ASP A 37 -17.93 -18.85 24.11
N LEU A 38 -17.58 -18.27 22.97
CA LEU A 38 -16.44 -17.34 22.91
C LEU A 38 -16.65 -16.14 23.82
N LEU A 39 -17.88 -15.63 23.89
CA LEU A 39 -18.17 -14.44 24.69
C LEU A 39 -18.18 -14.72 26.18
N GLN A 40 -18.32 -15.97 26.60
CA GLN A 40 -18.01 -16.34 27.98
C GLN A 40 -16.51 -16.53 28.16
N ASN A 41 -15.88 -17.30 27.27
CA ASN A 41 -14.46 -17.63 27.38
C ASN A 41 -13.59 -16.54 26.72
N VAL A 42 -13.76 -15.31 27.21
CA VAL A 42 -13.05 -14.15 26.66
C VAL A 42 -11.53 -14.31 26.73
N ASN A 43 -11.04 -15.30 27.47
CA ASN A 43 -9.61 -15.62 27.45
C ASN A 43 -9.09 -15.89 26.03
N GLU A 44 -9.88 -16.55 25.18
CA GLU A 44 -9.42 -16.89 23.84
C GLU A 44 -9.19 -15.65 22.98
N VAL A 45 -10.04 -14.63 23.15
CA VAL A 45 -9.88 -13.40 22.40
C VAL A 45 -8.50 -12.82 22.64
N SER A 46 -7.96 -12.95 23.85
CA SER A 46 -6.60 -12.49 24.09
C SER A 46 -5.59 -13.24 23.24
N LYS A 47 -5.83 -14.52 22.96
CA LYS A 47 -4.92 -15.26 22.10
C LYS A 47 -4.96 -14.73 20.68
N TYR A 48 -6.17 -14.49 20.17
CA TYR A 48 -6.28 -13.93 18.83
C TYR A 48 -5.65 -12.55 18.73
N ILE A 49 -5.89 -11.68 19.71
CA ILE A 49 -5.27 -10.36 19.69
C ILE A 49 -3.75 -10.46 19.74
N GLU A 50 -3.20 -11.33 20.58
CA GLU A 50 -1.74 -11.47 20.64
C GLU A 50 -1.18 -11.97 19.31
N HIS A 51 -1.83 -12.95 18.70
CA HIS A 51 -1.34 -13.45 17.42
C HIS A 51 -1.40 -12.37 16.34
N HIS A 52 -2.42 -11.51 16.39
CA HIS A 52 -2.46 -10.42 15.43
C HIS A 52 -1.32 -9.45 15.67
N MET A 53 -1.15 -9.01 16.92
CA MET A 53 -0.07 -8.09 17.28
C MET A 53 1.30 -8.62 16.89
N ASP A 54 1.52 -9.93 16.94
CA ASP A 54 2.85 -10.45 16.72
C ASP A 54 3.12 -10.90 15.30
N TYR A 55 2.10 -11.25 14.52
CA TYR A 55 2.34 -11.79 13.18
C TYR A 55 1.68 -11.00 12.07
N GLN A 56 0.41 -10.63 12.21
CA GLN A 56 -0.25 -9.96 11.08
C GLN A 56 0.08 -8.48 11.02
N ARG A 57 0.05 -7.79 12.16
CA ARG A 57 0.33 -6.36 12.17
C ARG A 57 1.68 -5.99 11.57
N PRO A 58 2.77 -6.73 11.82
CA PRO A 58 4.03 -6.44 11.11
C PRO A 58 3.94 -6.44 9.58
N ARG A 59 3.33 -7.46 8.98
CA ARG A 59 3.15 -7.48 7.53
C ARG A 59 2.41 -6.24 7.03
N LEU A 60 1.28 -5.92 7.65
CA LEU A 60 0.47 -4.79 7.22
C LEU A 60 1.24 -3.49 7.39
N LYS A 61 1.98 -3.37 8.48
CA LYS A 61 2.86 -2.23 8.73
C LYS A 61 3.86 -2.03 7.58
N VAL A 62 4.63 -3.06 7.25
CA VAL A 62 5.53 -3.03 6.09
C VAL A 62 4.83 -2.53 4.82
N LEU A 63 3.72 -3.17 4.44
CA LEU A 63 2.97 -2.72 3.26
C LEU A 63 2.61 -1.24 3.34
N SER A 64 1.91 -0.84 4.39
CA SER A 64 1.64 0.56 4.67
C SER A 64 2.85 1.50 4.44
N ASP A 65 4.00 1.18 5.04
CA ASP A 65 5.22 1.97 4.83
C ASP A 65 5.60 2.10 3.36
N TYR A 66 5.67 0.98 2.63
CA TYR A 66 5.93 1.09 1.20
C TYR A 66 4.94 1.99 0.46
N TYR A 67 3.63 1.85 0.72
CA TYR A 67 2.70 2.80 0.12
C TYR A 67 3.12 4.25 0.36
N GLU A 68 3.57 4.57 1.56
CA GLU A 68 4.05 5.91 1.93
C GLU A 68 5.47 6.24 1.46
N GLY A 69 6.18 5.34 0.78
CA GLY A 69 7.53 5.62 0.38
C GLY A 69 8.61 5.44 1.43
N LYS A 70 8.32 4.71 2.49
CA LYS A 70 9.28 4.42 3.55
C LYS A 70 9.83 3.00 3.38
N THR A 71 10.79 2.86 2.45
CA THR A 71 11.33 1.55 2.09
C THR A 71 12.46 1.10 3.01
N LYS A 72 12.87 -0.16 2.82
CA LYS A 72 13.98 -0.77 3.56
C LYS A 72 15.27 0.03 3.47
N ASN A 73 15.57 0.57 2.29
CA ASN A 73 16.81 1.31 2.06
C ASN A 73 16.96 2.53 2.98
N LEU A 74 15.85 3.21 3.30
CA LEU A 74 15.93 4.37 4.20
C LEU A 74 16.24 4.00 5.65
N VAL A 75 15.59 2.98 6.20
CA VAL A 75 15.58 2.76 7.64
C VAL A 75 16.71 1.87 8.16
N GLU A 76 17.35 1.07 7.31
CA GLU A 76 18.48 0.27 7.74
C GLU A 76 19.53 1.14 8.43
N LEU A 77 20.06 0.63 9.55
CA LEU A 77 21.06 1.39 10.30
C LEU A 77 22.36 1.54 9.50
N THR A 78 22.90 0.44 8.98
CA THR A 78 23.99 0.49 8.03
C THR A 78 23.69 -0.45 6.87
N ARG A 79 23.99 -0.02 5.65
CA ARG A 79 23.93 -0.90 4.49
C ARG A 79 25.28 -1.10 3.84
N ARG A 80 26.37 -0.62 4.44
CA ARG A 80 27.71 -0.66 3.85
C ARG A 80 28.72 -1.23 4.82
N LYS A 81 29.76 -1.83 4.25
CA LYS A 81 30.94 -2.28 4.98
C LYS A 81 31.81 -1.10 5.42
N GLU A 82 31.85 -0.03 4.65
CA GLU A 82 32.71 1.13 4.92
C GLU A 82 32.03 2.15 5.81
N GLU A 83 32.60 2.39 6.99
CA GLU A 83 32.08 3.39 7.93
C GLU A 83 32.12 4.80 7.35
N TYR A 84 33.27 5.20 6.79
CA TYR A 84 33.54 6.61 6.52
C TYR A 84 33.31 7.02 5.07
N MET A 85 32.98 6.09 4.19
CA MET A 85 32.61 6.43 2.82
C MET A 85 31.16 6.93 2.75
N ALA A 86 30.75 7.35 1.56
CA ALA A 86 29.38 7.83 1.33
C ALA A 86 28.34 6.76 1.60
N ASP A 87 27.18 7.20 2.12
CA ASP A 87 26.07 6.31 2.43
C ASP A 87 24.75 6.95 1.97
N ASN A 88 24.64 7.22 0.67
CA ASN A 88 23.40 7.69 0.08
C ASN A 88 22.26 6.69 0.24
N ARG A 89 21.08 7.20 0.61
CA ARG A 89 19.86 6.42 0.74
C ARG A 89 18.79 6.97 -0.22
N VAL A 90 17.96 6.07 -0.76
CA VAL A 90 16.94 6.46 -1.73
C VAL A 90 15.74 5.52 -1.63
N ALA A 91 14.55 6.04 -1.93
CA ALA A 91 13.30 5.28 -1.98
C ALA A 91 12.52 5.58 -3.27
N HIS A 92 12.12 4.55 -4.01
CA HIS A 92 11.34 4.72 -5.23
C HIS A 92 9.85 4.43 -5.01
N ASP A 93 9.01 5.33 -5.49
CA ASP A 93 7.57 5.40 -5.19
C ASP A 93 6.70 4.50 -6.09
N TYR A 94 7.17 3.30 -6.45
CA TYR A 94 6.39 2.41 -7.30
C TYR A 94 5.05 2.03 -6.71
N ALA A 95 5.00 1.69 -5.42
CA ALA A 95 3.80 1.11 -4.84
C ALA A 95 2.59 2.01 -4.98
N SER A 96 2.76 3.32 -4.73
CA SER A 96 1.69 4.28 -4.88
C SER A 96 1.21 4.39 -6.32
N TYR A 97 2.15 4.57 -7.24
CA TYR A 97 1.88 4.55 -8.68
C TYR A 97 0.99 3.36 -9.09
N ILE A 98 1.42 2.14 -8.75
CA ILE A 98 0.63 0.95 -9.05
C ILE A 98 -0.76 1.01 -8.46
N SER A 99 -0.86 1.14 -7.14
CA SER A 99 -2.18 1.15 -6.49
C SER A 99 -3.13 2.18 -7.09
N ASP A 100 -2.71 3.44 -7.18
CA ASP A 100 -3.57 4.46 -7.79
C ASP A 100 -4.02 4.09 -9.20
N PHE A 101 -3.11 3.70 -10.09
CA PHE A 101 -3.55 3.25 -11.41
C PHE A 101 -4.65 2.17 -11.35
N ILE A 102 -4.38 1.06 -10.66
CA ILE A 102 -5.35 -0.04 -10.58
C ILE A 102 -6.68 0.41 -9.97
N ASN A 103 -6.65 1.05 -8.81
CA ASN A 103 -7.91 1.47 -8.20
C ASN A 103 -8.68 2.47 -9.08
N GLY A 104 -7.98 3.31 -9.84
CA GLY A 104 -8.67 4.21 -10.75
C GLY A 104 -9.28 3.51 -11.95
N TYR A 105 -8.67 2.41 -12.39
CA TYR A 105 -9.30 1.58 -13.41
C TYR A 105 -10.58 0.93 -12.88
N PHE A 106 -10.57 0.54 -11.60
CA PHE A 106 -11.70 -0.22 -11.06
C PHE A 106 -12.88 0.67 -10.65
N LEU A 107 -12.63 1.76 -9.92
CA LEU A 107 -13.71 2.59 -9.39
C LEU A 107 -13.61 4.05 -9.83
N GLY A 108 -13.02 4.30 -11.00
CA GLY A 108 -13.12 5.63 -11.58
C GLY A 108 -14.54 6.05 -11.90
N ASN A 109 -15.40 5.10 -12.27
CA ASN A 109 -16.82 5.34 -12.41
C ASN A 109 -17.60 4.71 -11.25
N PRO A 110 -18.60 5.39 -10.69
CA PRO A 110 -19.38 4.79 -9.60
C PRO A 110 -20.09 3.50 -9.99
N ILE A 111 -20.25 2.62 -9.01
CA ILE A 111 -21.16 1.49 -9.13
C ILE A 111 -22.59 2.00 -9.24
N GLN A 112 -23.34 1.48 -10.22
CA GLN A 112 -24.74 1.80 -10.39
C GLN A 112 -25.62 0.75 -9.73
N TYR A 113 -26.52 1.18 -8.86
CA TYR A 113 -27.42 0.30 -8.13
C TYR A 113 -28.77 0.29 -8.84
N GLN A 114 -29.30 -0.90 -9.13
CA GLN A 114 -30.61 -0.95 -9.76
C GLN A 114 -31.42 -2.13 -9.26
N ASP A 115 -32.74 -1.97 -9.22
CA ASP A 115 -33.62 -3.01 -8.70
C ASP A 115 -35.01 -2.81 -9.27
N ASP A 116 -35.81 -3.88 -9.20
CA ASP A 116 -37.17 -3.86 -9.75
C ASP A 116 -38.20 -3.27 -8.81
N ASP A 117 -37.84 -3.01 -7.55
CA ASP A 117 -38.69 -2.27 -6.61
C ASP A 117 -38.05 -0.92 -6.35
N LYS A 118 -38.78 0.16 -6.66
CA LYS A 118 -38.23 1.49 -6.44
C LYS A 118 -38.12 1.88 -4.98
N ASP A 119 -38.87 1.26 -4.07
CA ASP A 119 -38.74 1.62 -2.67
C ASP A 119 -37.38 1.19 -2.12
N VAL A 120 -36.92 0.01 -2.50
CA VAL A 120 -35.57 -0.42 -2.16
C VAL A 120 -34.55 0.47 -2.84
N LEU A 121 -34.77 0.77 -4.12
CA LEU A 121 -33.82 1.60 -4.86
C LEU A 121 -33.64 2.97 -4.21
N GLU A 122 -34.74 3.61 -3.83
CA GLU A 122 -34.64 4.93 -3.19
C GLU A 122 -34.14 4.86 -1.77
N ALA A 123 -34.39 3.77 -1.04
CA ALA A 123 -33.74 3.62 0.26
C ALA A 123 -32.23 3.48 0.11
N ILE A 124 -31.79 2.67 -0.85
CA ILE A 124 -30.37 2.52 -1.15
C ILE A 124 -29.78 3.87 -1.53
N GLU A 125 -30.43 4.58 -2.46
CA GLU A 125 -29.89 5.86 -2.91
C GLU A 125 -29.84 6.90 -1.79
N ALA A 126 -30.82 6.88 -0.87
CA ALA A 126 -30.77 7.80 0.26
C ALA A 126 -29.60 7.46 1.19
N PHE A 127 -29.42 6.17 1.48
CA PHE A 127 -28.28 5.77 2.30
C PHE A 127 -26.96 6.14 1.64
N ASN A 128 -26.87 5.97 0.32
CA ASN A 128 -25.64 6.31 -0.40
C ASN A 128 -25.40 7.81 -0.38
N ASP A 129 -26.44 8.61 -0.60
CA ASP A 129 -26.28 10.06 -0.66
C ASP A 129 -25.95 10.64 0.70
N LEU A 130 -26.45 10.04 1.78
CA LEU A 130 -26.05 10.50 3.11
C LEU A 130 -24.56 10.32 3.35
N ASN A 131 -24.02 9.15 3.01
CA ASN A 131 -22.70 8.73 3.44
C ASN A 131 -21.57 8.99 2.44
N ASP A 132 -21.83 9.70 1.34
CA ASP A 132 -20.84 9.85 0.27
C ASP A 132 -20.26 8.49 -0.14
N VAL A 133 -21.16 7.53 -0.39
CA VAL A 133 -20.76 6.15 -0.62
C VAL A 133 -19.80 6.01 -1.81
N GLU A 134 -19.91 6.86 -2.81
CA GLU A 134 -18.96 6.82 -3.92
C GLU A 134 -17.51 6.92 -3.44
N SER A 135 -17.23 7.89 -2.56
CA SER A 135 -15.88 8.02 -2.02
C SER A 135 -15.54 6.91 -1.02
N HIS A 136 -16.54 6.41 -0.30
CA HIS A 136 -16.30 5.28 0.59
C HIS A 136 -15.87 4.03 -0.19
N ASN A 137 -16.49 3.80 -1.34
CA ASN A 137 -16.12 2.66 -2.18
C ASN A 137 -14.74 2.84 -2.78
N ARG A 138 -14.42 4.05 -3.24
CA ARG A 138 -13.07 4.27 -3.74
C ARG A 138 -12.02 4.03 -2.66
N SER A 139 -12.27 4.45 -1.42
CA SER A 139 -11.25 4.25 -0.40
C SER A 139 -11.18 2.81 0.06
N LEU A 140 -12.28 2.05 0.00
CA LEU A 140 -12.19 0.60 0.16
C LEU A 140 -11.32 -0.03 -0.92
N GLY A 141 -11.57 0.30 -2.19
CA GLY A 141 -10.75 -0.26 -3.25
C GLY A 141 -9.27 0.05 -3.10
N LEU A 142 -8.94 1.28 -2.70
CA LEU A 142 -7.56 1.63 -2.38
C LEU A 142 -6.97 0.74 -1.29
N ASP A 143 -7.71 0.56 -0.18
CA ASP A 143 -7.18 -0.33 0.86
C ASP A 143 -7.03 -1.77 0.37
N LEU A 144 -7.96 -2.25 -0.46
CA LEU A 144 -7.78 -3.58 -1.04
C LEU A 144 -6.48 -3.66 -1.83
N SER A 145 -6.19 -2.64 -2.63
CA SER A 145 -4.93 -2.56 -3.36
C SER A 145 -3.71 -2.63 -2.43
N ILE A 146 -3.68 -1.80 -1.38
CA ILE A 146 -2.56 -1.80 -0.43
C ILE A 146 -2.45 -3.10 0.35
N TYR A 147 -3.49 -3.47 1.12
CA TYR A 147 -3.35 -4.54 2.10
C TYR A 147 -3.81 -5.90 1.62
N GLY A 148 -4.65 -5.97 0.59
CA GLY A 148 -5.30 -7.20 0.22
C GLY A 148 -6.67 -7.39 0.84
N LYS A 149 -7.06 -6.54 1.79
CA LYS A 149 -8.33 -6.66 2.49
C LYS A 149 -8.73 -5.29 3.00
N ALA A 150 -10.01 -5.16 3.36
CA ALA A 150 -10.52 -3.93 3.93
C ALA A 150 -11.71 -4.24 4.83
N TYR A 151 -12.00 -3.34 5.77
CA TYR A 151 -13.11 -3.52 6.70
C TYR A 151 -13.99 -2.28 6.72
N GLU A 152 -15.30 -2.50 6.85
CA GLU A 152 -16.22 -1.40 7.12
C GLU A 152 -17.17 -1.75 8.26
N LEU A 153 -17.42 -0.77 9.12
CA LEU A 153 -18.36 -0.86 10.23
C LEU A 153 -19.57 0.04 9.97
N MET A 154 -20.76 -0.49 10.23
CA MET A 154 -22.01 0.26 10.18
C MET A 154 -22.51 0.51 11.61
N ILE A 155 -22.93 1.76 11.89
CA ILE A 155 -23.39 2.16 13.21
C ILE A 155 -24.65 3.01 13.11
N ARG A 156 -25.34 3.14 14.23
CA ARG A 156 -26.31 4.21 14.46
C ARG A 156 -25.68 5.25 15.39
N ASN A 157 -25.60 6.50 14.94
CA ASN A 157 -24.90 7.54 15.67
C ASN A 157 -25.84 8.36 16.56
N GLN A 158 -25.26 9.35 17.23
CA GLN A 158 -26.01 10.16 18.21
C GLN A 158 -27.18 10.88 17.58
N ASP A 159 -27.07 11.29 16.32
CA ASP A 159 -28.17 11.91 15.61
C ASP A 159 -29.15 10.89 15.04
N ASP A 160 -29.05 9.63 15.48
CA ASP A 160 -29.88 8.53 15.00
C ASP A 160 -29.71 8.29 13.49
N GLU A 161 -28.60 8.75 12.92
CA GLU A 161 -28.27 8.43 11.54
C GLU A 161 -27.64 7.04 11.45
N THR A 162 -28.01 6.29 10.42
CA THR A 162 -27.27 5.09 10.04
C THR A 162 -26.04 5.52 9.24
N ARG A 163 -24.85 5.26 9.77
CA ARG A 163 -23.60 5.72 9.18
C ARG A 163 -22.66 4.55 8.91
N LEU A 164 -21.82 4.71 7.89
CA LEU A 164 -20.88 3.69 7.44
C LEU A 164 -19.46 4.25 7.43
N TYR A 165 -18.53 3.57 8.10
CA TYR A 165 -17.15 4.04 8.19
C TYR A 165 -16.16 2.92 7.88
N LYS A 166 -15.10 3.27 7.14
CA LYS A 166 -14.00 2.34 6.93
C LYS A 166 -13.18 2.19 8.21
N SER A 167 -12.87 0.96 8.57
CA SER A 167 -12.11 0.65 9.78
C SER A 167 -10.68 0.24 9.42
N ASP A 168 -9.71 0.85 10.11
CA ASP A 168 -8.30 0.67 9.78
C ASP A 168 -7.89 -0.79 9.84
N ALA A 169 -7.35 -1.30 8.73
CA ALA A 169 -6.97 -2.71 8.62
C ALA A 169 -5.84 -3.12 9.57
N MET A 170 -4.99 -2.20 10.03
CA MET A 170 -3.94 -2.59 10.97
C MET A 170 -4.45 -2.89 12.37
N SER A 171 -5.66 -2.47 12.71
CA SER A 171 -6.18 -2.66 14.06
C SER A 171 -7.49 -3.43 14.09
N THR A 172 -7.91 -4.01 12.96
CA THR A 172 -9.18 -4.71 12.84
C THR A 172 -8.95 -6.13 12.36
N PHE A 173 -9.68 -7.09 12.94
CA PHE A 173 -9.76 -8.44 12.39
C PHE A 173 -11.10 -9.05 12.76
N ILE A 174 -11.41 -10.16 12.08
CA ILE A 174 -12.62 -10.93 12.33
C ILE A 174 -12.23 -12.36 12.67
N ILE A 175 -12.99 -12.99 13.57
CA ILE A 175 -12.86 -14.41 13.89
C ILE A 175 -14.02 -15.15 13.25
N TYR A 176 -13.73 -16.19 12.49
CA TYR A 176 -14.75 -17.00 11.83
C TYR A 176 -14.96 -18.33 12.54
N ASP A 177 -16.07 -18.99 12.21
CA ASP A 177 -16.29 -20.37 12.64
C ASP A 177 -15.38 -21.32 11.85
N ASN A 178 -15.29 -22.57 12.33
CA ASN A 178 -14.51 -23.60 11.68
C ASN A 178 -15.29 -24.35 10.60
N THR A 179 -16.47 -23.87 10.23
CA THR A 179 -17.27 -24.49 9.18
C THR A 179 -16.71 -24.14 7.80
N VAL A 180 -17.02 -24.99 6.82
CA VAL A 180 -16.68 -24.72 5.43
C VAL A 180 -17.38 -23.46 4.91
N GLU A 181 -18.46 -23.03 5.55
CA GLU A 181 -19.17 -21.81 5.14
C GLU A 181 -18.47 -20.55 5.61
N ARG A 182 -17.55 -20.65 6.57
CA ARG A 182 -16.93 -19.52 7.26
C ARG A 182 -17.90 -18.39 7.58
N ASN A 183 -18.81 -18.62 8.51
CA ASN A 183 -19.59 -17.55 9.13
C ASN A 183 -18.72 -16.75 10.08
N SER A 184 -18.94 -15.44 10.15
CA SER A 184 -18.20 -14.58 11.07
C SER A 184 -18.82 -14.60 12.47
N ILE A 185 -18.01 -14.96 13.46
CA ILE A 185 -18.44 -14.99 14.85
C ILE A 185 -18.29 -13.63 15.53
N ALA A 186 -17.10 -13.02 15.46
CA ALA A 186 -16.83 -11.81 16.24
C ALA A 186 -15.85 -10.90 15.49
N GLY A 187 -16.05 -9.59 15.66
CA GLY A 187 -15.12 -8.58 15.17
C GLY A 187 -14.33 -7.95 16.30
N VAL A 188 -13.07 -7.60 16.04
CA VAL A 188 -12.22 -6.96 17.05
C VAL A 188 -11.64 -5.67 16.49
N ARG A 189 -11.81 -4.56 17.22
CA ARG A 189 -11.06 -3.33 16.98
C ARG A 189 -10.25 -3.00 18.24
N TYR A 190 -8.95 -2.83 18.11
CA TYR A 190 -8.11 -2.45 19.26
C TYR A 190 -7.24 -1.24 18.97
N LEU A 191 -7.34 -0.21 19.82
CA LEU A 191 -6.67 1.07 19.62
C LEU A 191 -5.77 1.43 20.80
N ARG A 192 -4.60 1.99 20.48
CA ARG A 192 -3.67 2.55 21.46
C ARG A 192 -4.29 3.73 22.22
N THR A 193 -4.41 3.59 23.54
CA THR A 193 -4.71 4.73 24.41
C THR A 193 -3.43 5.49 24.75
N LYS A 194 -3.60 6.75 25.18
CA LYS A 194 -2.49 7.64 25.48
C LYS A 194 -1.44 7.64 24.37
N PRO A 195 -1.84 7.92 23.12
CA PRO A 195 -0.90 7.77 22.00
C PRO A 195 0.20 8.83 21.98
N ILE A 196 0.02 9.92 22.72
CA ILE A 196 0.90 11.09 22.65
C ILE A 196 1.72 11.30 23.92
N ASP A 197 1.43 10.58 25.01
CA ASP A 197 2.12 10.76 26.28
C ASP A 197 3.56 10.27 26.26
N LYS A 198 4.45 11.06 26.88
CA LYS A 198 5.88 10.84 26.98
C LYS A 198 6.24 9.87 28.13
N THR A 199 7.55 9.60 28.24
CA THR A 199 8.21 8.97 29.40
C THR A 199 7.85 7.48 29.57
N ASP A 200 7.31 6.84 28.52
CA ASP A 200 7.27 5.38 28.39
C ASP A 200 6.57 4.64 29.54
N GLU A 201 5.36 5.09 29.90
CA GLU A 201 4.44 4.25 30.67
C GLU A 201 4.01 3.03 29.85
N ASP A 202 3.66 1.93 30.55
CA ASP A 202 3.20 0.71 29.90
C ASP A 202 2.11 0.98 28.87
N GLU A 203 2.23 0.33 27.71
CA GLU A 203 1.33 0.53 26.57
C GLU A 203 -0.06 -0.08 26.82
N VAL A 204 -1.08 0.77 26.94
CA VAL A 204 -2.45 0.36 27.20
C VAL A 204 -3.30 0.51 25.93
N PHE A 205 -4.07 -0.53 25.60
CA PHE A 205 -5.00 -0.57 24.48
C PHE A 205 -6.44 -0.62 24.98
N THR A 206 -7.35 0.02 24.25
CA THR A 206 -8.79 -0.16 24.42
C THR A 206 -9.34 -1.05 23.30
N VAL A 207 -10.12 -2.06 23.70
CA VAL A 207 -10.59 -3.14 22.82
C VAL A 207 -12.12 -3.12 22.71
N ASP A 208 -12.63 -3.03 21.48
CA ASP A 208 -14.04 -3.28 21.18
C ASP A 208 -14.19 -4.67 20.58
N LEU A 209 -15.10 -5.46 21.16
CA LEU A 209 -15.46 -6.77 20.65
C LEU A 209 -16.89 -6.71 20.15
N PHE A 210 -17.07 -6.87 18.84
CA PHE A 210 -18.36 -6.73 18.17
C PHE A 210 -18.99 -8.11 17.97
N THR A 211 -20.27 -8.21 18.30
CA THR A 211 -20.98 -9.47 18.44
C THR A 211 -22.34 -9.32 17.76
N SER A 212 -23.00 -10.45 17.54
CA SER A 212 -24.26 -10.45 16.81
C SER A 212 -25.35 -9.63 17.48
N HIS A 213 -25.19 -9.28 18.77
CA HIS A 213 -26.21 -8.51 19.48
C HIS A 213 -25.72 -7.21 20.08
N GLY A 214 -24.41 -6.98 20.16
CA GLY A 214 -23.92 -5.74 20.71
C GLY A 214 -22.42 -5.62 20.57
N VAL A 215 -21.86 -4.67 21.32
CA VAL A 215 -20.42 -4.49 21.40
C VAL A 215 -20.01 -4.40 22.87
N TYR A 216 -18.93 -5.11 23.21
CA TYR A 216 -18.35 -5.15 24.55
C TYR A 216 -17.02 -4.41 24.58
N ARG A 217 -16.78 -3.63 25.63
CA ARG A 217 -15.65 -2.71 25.69
C ARG A 217 -14.71 -3.04 26.85
N TYR A 218 -13.41 -3.12 26.55
CA TYR A 218 -12.37 -3.51 27.50
C TYR A 218 -11.15 -2.59 27.42
N LEU A 219 -10.29 -2.68 28.44
CA LEU A 219 -8.91 -2.18 28.44
C LEU A 219 -7.93 -3.34 28.68
N THR A 220 -6.72 -3.21 28.14
CA THR A 220 -5.69 -4.23 28.36
C THR A 220 -4.31 -3.67 28.05
N ASN A 221 -3.27 -4.42 28.42
CA ASN A 221 -1.89 -3.99 28.20
C ASN A 221 -1.00 -5.21 27.94
N ARG A 222 0.08 -4.97 27.17
CA ARG A 222 0.98 -6.07 26.80
C ARG A 222 1.65 -6.73 28.00
N THR A 223 2.02 -5.95 29.01
CA THR A 223 2.75 -6.47 30.18
C THR A 223 1.92 -7.37 31.09
N ASN A 224 0.59 -7.36 30.99
CA ASN A 224 -0.22 -8.35 31.71
C ASN A 224 -0.59 -9.57 30.86
N GLY A 225 -0.13 -9.62 29.62
CA GLY A 225 -0.52 -10.69 28.72
C GLY A 225 -1.83 -10.47 27.99
N LEU A 226 -2.16 -9.21 27.69
CA LEU A 226 -3.41 -8.86 26.98
C LEU A 226 -4.66 -9.38 27.68
N LYS A 227 -4.63 -9.56 29.00
CA LYS A 227 -5.85 -9.92 29.72
C LYS A 227 -6.82 -8.75 29.71
N LEU A 228 -8.04 -9.00 29.26
CA LEU A 228 -9.05 -7.94 29.12
C LEU A 228 -9.70 -7.61 30.47
N THR A 229 -9.93 -6.32 30.70
CA THR A 229 -10.78 -5.88 31.80
C THR A 229 -11.80 -4.85 31.32
N PRO A 230 -13.06 -4.96 31.74
CA PRO A 230 -14.11 -4.08 31.20
C PRO A 230 -13.87 -2.59 31.44
N ARG A 231 -14.33 -1.78 30.49
CA ARG A 231 -14.55 -0.35 30.67
C ARG A 231 -15.87 -0.09 31.41
N GLU A 232 -16.08 1.17 31.79
CA GLU A 232 -17.35 1.58 32.40
C GLU A 232 -18.54 1.34 31.46
N ASN A 233 -18.45 1.81 30.22
CA ASN A 233 -19.49 1.55 29.23
C ASN A 233 -19.36 0.13 28.70
N SER A 234 -19.35 -0.84 29.62
CA SER A 234 -18.91 -2.21 29.31
C SER A 234 -19.68 -2.86 28.16
N PHE A 235 -20.91 -2.42 27.88
CA PHE A 235 -21.66 -3.05 26.80
C PHE A 235 -22.62 -2.04 26.16
N GLU A 236 -22.93 -2.27 24.89
CA GLU A 236 -23.97 -1.50 24.21
C GLU A 236 -24.61 -2.33 23.11
N SER A 237 -25.95 -2.39 23.12
CA SER A 237 -26.69 -3.13 22.10
C SER A 237 -26.60 -2.45 20.74
N HIS A 238 -26.91 -3.22 19.69
CA HIS A 238 -27.19 -2.68 18.37
C HIS A 238 -28.33 -3.48 17.74
N SER A 239 -29.10 -2.81 16.88
CA SER A 239 -30.28 -3.40 16.25
C SER A 239 -29.96 -4.27 15.04
N PHE A 240 -28.74 -4.22 14.51
CA PHE A 240 -28.32 -5.21 13.54
C PHE A 240 -28.35 -6.60 14.15
N GLU A 241 -28.90 -7.56 13.41
CA GLU A 241 -29.01 -8.94 13.89
C GLU A 241 -27.84 -9.80 13.44
N ARG A 242 -26.77 -9.17 12.96
CA ARG A 242 -25.54 -9.85 12.59
C ARG A 242 -24.37 -9.00 13.12
N MET A 243 -23.21 -9.61 13.20
CA MET A 243 -22.02 -8.88 13.61
C MET A 243 -21.72 -7.79 12.58
N PRO A 244 -21.64 -6.52 12.96
CA PRO A 244 -21.76 -5.43 11.99
C PRO A 244 -20.48 -5.00 11.26
N ILE A 245 -19.39 -5.75 11.33
CA ILE A 245 -18.19 -5.46 10.54
C ILE A 245 -18.16 -6.39 9.33
N THR A 246 -17.99 -5.81 8.14
CA THR A 246 -17.84 -6.58 6.91
C THR A 246 -16.42 -6.46 6.38
N GLU A 247 -15.81 -7.61 6.08
CA GLU A 247 -14.48 -7.69 5.49
C GLU A 247 -14.56 -7.94 3.98
N PHE A 248 -13.94 -7.07 3.21
CA PHE A 248 -13.74 -7.21 1.77
C PHE A 248 -12.33 -7.76 1.52
N SER A 249 -12.16 -8.50 0.42
CA SER A 249 -10.85 -9.05 0.07
C SER A 249 -10.53 -8.81 -1.40
N ASN A 250 -9.23 -8.57 -1.65
CA ASN A 250 -8.75 -8.25 -2.99
C ASN A 250 -8.75 -9.47 -3.90
N ASN A 251 -8.51 -10.64 -3.34
CA ASN A 251 -8.43 -11.90 -4.07
C ASN A 251 -8.50 -12.98 -3.01
N GLU A 252 -8.61 -14.24 -3.46
CA GLU A 252 -8.78 -15.34 -2.53
C GLU A 252 -7.65 -15.41 -1.49
N ARG A 253 -6.43 -15.04 -1.87
CA ARG A 253 -5.30 -15.10 -0.93
C ARG A 253 -5.21 -13.87 -0.03
N ARG A 254 -6.00 -12.82 -0.29
CA ARG A 254 -5.87 -11.52 0.37
C ARG A 254 -4.47 -10.92 0.20
N LYS A 255 -3.98 -10.94 -1.03
CA LYS A 255 -2.69 -10.35 -1.41
C LYS A 255 -2.90 -8.96 -2.02
N GLY A 256 -2.01 -8.01 -1.68
CA GLY A 256 -2.03 -6.71 -2.32
C GLY A 256 -1.46 -6.71 -3.73
N ASP A 257 -1.73 -5.61 -4.45
CA ASP A 257 -1.28 -5.46 -5.84
C ASP A 257 0.24 -5.33 -6.02
N TYR A 258 0.92 -4.62 -5.13
CA TYR A 258 2.37 -4.49 -5.23
C TYR A 258 3.17 -5.40 -4.30
N GLU A 259 2.56 -6.00 -3.30
CA GLU A 259 3.28 -6.89 -2.39
C GLU A 259 4.27 -7.87 -3.05
N LYS A 260 3.83 -8.58 -4.10
CA LYS A 260 4.72 -9.52 -4.79
C LYS A 260 5.87 -8.87 -5.55
N VAL A 261 5.91 -7.55 -5.71
CA VAL A 261 7.03 -6.91 -6.38
C VAL A 261 7.93 -6.16 -5.41
N ILE A 262 7.59 -6.09 -4.12
CA ILE A 262 8.45 -5.37 -3.15
C ILE A 262 9.95 -5.66 -3.27
N THR A 263 10.37 -6.93 -3.27
CA THR A 263 11.80 -7.23 -3.42
C THR A 263 12.44 -6.61 -4.67
N LEU A 264 11.73 -6.55 -5.80
CA LEU A 264 12.25 -5.80 -6.93
C LEU A 264 12.46 -4.34 -6.58
N ILE A 265 11.44 -3.69 -6.03
CA ILE A 265 11.62 -2.30 -5.59
C ILE A 265 12.87 -2.15 -4.73
N ASP A 266 13.10 -3.07 -3.79
CA ASP A 266 14.35 -3.02 -3.02
C ASP A 266 15.59 -3.05 -3.90
N LEU A 267 15.68 -4.01 -4.82
CA LEU A 267 16.80 -3.99 -5.76
C LEU A 267 16.93 -2.64 -6.44
N TYR A 268 15.84 -2.11 -6.97
CA TYR A 268 15.92 -0.84 -7.68
C TYR A 268 16.44 0.27 -6.77
N ASP A 269 16.05 0.30 -5.49
CA ASP A 269 16.71 1.22 -4.54
C ASP A 269 18.21 0.99 -4.40
N ASN A 270 18.63 -0.27 -4.20
CA ASN A 270 20.06 -0.54 -4.07
C ASN A 270 20.84 -0.10 -5.30
N ALA A 271 20.42 -0.52 -6.48
CA ALA A 271 21.10 -0.12 -7.70
C ALA A 271 21.39 1.37 -7.73
N GLU A 272 20.38 2.21 -7.46
CA GLU A 272 20.65 3.63 -7.54
C GLU A 272 21.55 4.11 -6.42
N SER A 273 21.34 3.65 -5.19
CA SER A 273 22.24 4.10 -4.15
C SER A 273 23.66 3.59 -4.37
N ASP A 274 23.86 2.47 -5.06
CA ASP A 274 25.23 2.11 -5.41
C ASP A 274 25.87 3.07 -6.40
N THR A 275 25.13 3.49 -7.43
CA THR A 275 25.68 4.45 -8.39
C THR A 275 26.06 5.75 -7.72
N ALA A 276 25.15 6.31 -6.93
CA ALA A 276 25.47 7.51 -6.18
C ALA A 276 26.74 7.33 -5.34
N ASN A 277 26.85 6.21 -4.61
CA ASN A 277 28.07 6.06 -3.80
C ASN A 277 29.30 5.99 -4.67
N TYR A 278 29.21 5.30 -5.81
CA TYR A 278 30.30 5.27 -6.75
C TYR A 278 30.77 6.67 -7.11
N MET A 279 29.88 7.53 -7.58
CA MET A 279 30.27 8.89 -7.89
C MET A 279 30.99 9.59 -6.74
N SER A 280 30.42 9.57 -5.54
CA SER A 280 31.02 10.43 -4.52
C SER A 280 32.32 9.88 -3.98
N ASP A 281 32.43 8.56 -3.81
CA ASP A 281 33.67 7.99 -3.30
C ASP A 281 34.83 8.15 -4.26
N LEU A 282 34.57 8.15 -5.56
CA LEU A 282 35.62 8.47 -6.52
C LEU A 282 36.20 9.86 -6.29
N ASN A 283 35.35 10.90 -6.16
CA ASN A 283 35.87 12.21 -5.79
C ASN A 283 36.74 12.19 -4.53
N ASP A 284 36.25 11.61 -3.44
CA ASP A 284 37.00 11.50 -2.18
C ASP A 284 38.00 10.35 -2.13
N ALA A 285 38.46 9.80 -3.25
CA ALA A 285 39.46 8.73 -3.23
C ALA A 285 40.54 8.95 -2.18
N MET A 286 40.75 7.94 -1.34
CA MET A 286 41.83 7.92 -0.36
C MET A 286 43.21 8.11 -1.00
N LEU A 287 44.00 8.98 -0.37
CA LEU A 287 45.40 9.20 -0.72
C LEU A 287 46.29 8.23 0.05
N LEU A 288 47.07 7.43 -0.68
CA LEU A 288 47.97 6.43 -0.13
C LEU A 288 49.41 6.93 -0.25
N ILE A 289 50.09 7.06 0.90
CA ILE A 289 51.47 7.50 0.97
C ILE A 289 52.31 6.34 1.49
N LYS A 290 53.24 5.86 0.68
CA LYS A 290 54.11 4.74 1.01
C LYS A 290 55.52 5.22 1.28
N GLY A 291 56.14 4.63 2.29
CA GLY A 291 57.54 4.87 2.61
C GLY A 291 57.72 5.42 4.01
N ASN A 292 58.98 5.49 4.41
CA ASN A 292 59.34 5.94 5.75
C ASN A 292 59.47 7.45 5.75
N LEU A 293 58.60 8.12 6.50
CA LEU A 293 58.34 9.53 6.31
C LEU A 293 57.97 10.14 7.65
N ASN A 294 58.28 11.43 7.81
CA ASN A 294 58.02 12.10 9.08
C ASN A 294 56.88 13.10 8.95
N LEU A 295 55.73 12.64 8.49
CA LEU A 295 54.58 13.50 8.19
C LEU A 295 53.51 13.32 9.27
N ASP A 296 53.32 14.34 10.09
CA ASP A 296 52.15 14.42 10.95
C ASP A 296 50.90 14.71 10.10
N PRO A 297 49.71 14.30 10.57
CA PRO A 297 48.49 14.65 9.83
C PRO A 297 48.25 16.14 9.75
N VAL A 298 48.69 16.92 10.74
CA VAL A 298 48.59 18.38 10.64
C VAL A 298 49.55 18.92 9.59
N GLU A 299 50.73 18.33 9.49
CA GLU A 299 51.68 18.74 8.46
C GLU A 299 51.16 18.41 7.07
N VAL A 300 50.53 17.24 6.93
CA VAL A 300 49.89 16.88 5.67
C VAL A 300 48.75 17.85 5.34
N ARG A 301 47.93 18.19 6.34
CA ARG A 301 46.86 19.17 6.08
C ARG A 301 47.40 20.51 5.62
N LYS A 302 48.49 20.99 6.23
CA LYS A 302 49.09 22.24 5.76
C LYS A 302 49.60 22.12 4.34
N GLN A 303 50.29 21.03 4.02
CA GLN A 303 50.79 20.87 2.65
C GLN A 303 49.66 20.76 1.64
N LYS A 304 48.56 20.09 1.99
CA LYS A 304 47.41 20.01 1.11
C LYS A 304 46.77 21.37 0.90
N GLU A 305 46.72 22.19 1.95
CA GLU A 305 46.25 23.56 1.75
C GLU A 305 47.13 24.34 0.77
N ALA A 306 48.44 24.08 0.75
CA ALA A 306 49.34 24.70 -0.21
C ALA A 306 49.29 24.06 -1.59
N ASN A 307 48.61 22.94 -1.76
CA ASN A 307 48.52 22.19 -3.01
C ASN A 307 49.86 21.62 -3.49
N VAL A 308 50.87 21.52 -2.62
CA VAL A 308 52.12 20.83 -2.94
C VAL A 308 52.47 19.86 -1.82
N LEU A 309 52.69 18.60 -2.16
CA LEU A 309 53.12 17.57 -1.22
C LEU A 309 54.59 17.24 -1.43
N PHE A 310 55.37 17.31 -0.35
CA PHE A 310 56.78 16.90 -0.35
C PHE A 310 56.93 15.58 0.41
N LEU A 311 57.30 14.52 -0.31
CA LEU A 311 57.62 13.22 0.30
C LEU A 311 59.14 13.07 0.39
N GLU A 312 59.70 13.37 1.59
CA GLU A 312 61.14 13.31 1.82
C GLU A 312 61.56 12.01 2.49
N PRO A 313 62.28 11.11 1.82
CA PRO A 313 62.72 9.87 2.49
C PRO A 313 63.65 10.12 3.66
N THR A 314 63.59 9.23 4.65
CA THR A 314 64.63 9.15 5.67
C THR A 314 65.91 8.55 5.09
N VAL A 315 67.05 8.96 5.68
CA VAL A 315 68.38 8.48 5.28
C VAL A 315 68.90 7.51 6.33
N TYR A 316 69.33 6.34 5.89
CA TYR A 316 69.93 5.30 6.70
C TYR A 316 71.45 5.36 6.56
N VAL A 317 72.17 5.22 7.68
CA VAL A 317 73.63 5.33 7.67
C VAL A 317 74.24 4.03 8.21
N ASP A 318 75.13 3.44 7.41
CA ASP A 318 75.85 2.22 7.78
C ASP A 318 76.89 2.49 8.87
N ALA A 319 77.36 1.40 9.49
CA ALA A 319 78.54 1.49 10.35
C ALA A 319 79.79 1.92 9.57
N GLU A 320 79.87 1.57 8.29
CA GLU A 320 80.90 2.12 7.41
C GLU A 320 80.58 3.55 6.96
N GLY A 321 79.60 4.20 7.58
CA GLY A 321 79.28 5.58 7.29
C GLY A 321 78.56 5.82 5.98
N ARG A 322 78.29 4.80 5.19
CA ARG A 322 77.52 4.99 3.96
C ARG A 322 76.12 5.49 4.27
N GLU A 323 75.66 6.47 3.50
CA GLU A 323 74.30 6.98 3.60
C GLU A 323 73.49 6.58 2.37
N THR A 324 72.32 5.99 2.60
CA THR A 324 71.38 5.64 1.55
C THR A 324 69.98 6.07 1.97
N GLU A 325 69.24 6.70 1.04
CA GLU A 325 67.86 7.08 1.31
C GLU A 325 66.89 5.92 1.08
N GLY A 326 65.79 5.94 1.85
CA GLY A 326 64.66 5.06 1.60
C GLY A 326 63.84 5.43 0.36
N SER A 327 62.92 4.53 0.02
CA SER A 327 61.92 4.76 -1.03
C SER A 327 60.71 5.55 -0.54
N VAL A 328 60.04 6.24 -1.47
CA VAL A 328 58.74 6.87 -1.23
C VAL A 328 57.87 6.75 -2.46
N ASP A 329 56.55 6.71 -2.24
CA ASP A 329 55.58 6.83 -3.34
C ASP A 329 54.25 7.37 -2.84
N GLY A 330 53.46 7.94 -3.75
CA GLY A 330 52.18 8.53 -3.38
C GLY A 330 51.12 8.51 -4.48
N GLY A 331 49.85 8.30 -4.13
CA GLY A 331 48.81 8.39 -5.14
C GLY A 331 47.43 8.10 -4.59
N TYR A 332 46.41 8.45 -5.38
CA TYR A 332 45.05 7.98 -5.13
C TYR A 332 44.85 6.50 -5.45
N ILE A 333 44.17 5.81 -4.55
CA ILE A 333 43.56 4.50 -4.79
C ILE A 333 42.03 4.61 -4.83
N TYR A 334 41.43 4.12 -5.93
CA TYR A 334 39.98 4.10 -6.12
C TYR A 334 39.57 2.95 -7.03
N LYS A 335 38.35 2.45 -6.84
CA LYS A 335 37.70 1.54 -7.79
C LYS A 335 37.10 2.26 -9.00
N GLN A 336 37.35 1.70 -10.18
CA GLN A 336 36.78 2.21 -11.42
C GLN A 336 36.22 1.07 -12.26
N TYR A 337 35.03 1.29 -12.82
CA TYR A 337 34.37 0.34 -13.71
C TYR A 337 33.36 1.07 -14.60
N ASP A 338 32.95 0.38 -15.66
CA ASP A 338 31.96 0.86 -16.63
C ASP A 338 30.56 0.89 -16.04
N VAL A 339 30.28 1.95 -15.28
CA VAL A 339 28.96 2.16 -14.67
C VAL A 339 27.84 2.16 -15.72
N GLN A 340 28.08 2.77 -16.87
CA GLN A 340 27.10 2.78 -17.95
C GLN A 340 26.56 1.39 -18.29
N GLY A 341 27.38 0.35 -18.15
CA GLY A 341 26.93 -1.00 -18.44
C GLY A 341 25.95 -1.60 -17.46
N THR A 342 25.74 -0.96 -16.31
CA THR A 342 24.66 -1.32 -15.41
C THR A 342 23.28 -0.82 -15.86
N GLU A 343 23.22 0.18 -16.74
CA GLU A 343 21.94 0.81 -17.05
C GLU A 343 20.90 -0.17 -17.58
N ALA A 344 21.26 -1.01 -18.53
CA ALA A 344 20.34 -2.04 -19.00
C ALA A 344 19.76 -2.88 -17.86
N TYR A 345 20.58 -3.27 -16.88
CA TYR A 345 20.04 -3.94 -15.71
C TYR A 345 18.93 -3.12 -15.04
N LYS A 346 19.21 -1.85 -14.73
CA LYS A 346 18.15 -0.97 -14.24
C LYS A 346 16.91 -0.93 -15.14
N ASP A 347 17.08 -0.79 -16.45
CA ASP A 347 15.92 -0.96 -17.35
C ASP A 347 15.11 -2.23 -17.03
N ARG A 348 15.77 -3.38 -17.03
CA ARG A 348 15.09 -4.64 -16.79
C ARG A 348 14.22 -4.59 -15.53
N LEU A 349 14.83 -4.32 -14.38
CA LEU A 349 14.08 -4.17 -13.14
C LEU A 349 12.83 -3.33 -13.32
N ASN A 350 12.99 -2.08 -13.77
CA ASN A 350 11.85 -1.21 -14.01
C ASN A 350 10.76 -1.95 -14.79
N SER A 351 11.08 -2.42 -15.98
CA SER A 351 10.07 -3.10 -16.79
C SER A 351 9.42 -4.28 -16.06
N ASP A 352 10.21 -5.11 -15.38
CA ASP A 352 9.61 -6.21 -14.62
C ASP A 352 8.56 -5.73 -13.62
N ILE A 353 8.91 -4.75 -12.78
CA ILE A 353 7.89 -4.16 -11.91
C ILE A 353 6.61 -3.87 -12.66
N HIS A 354 6.67 -3.06 -13.72
CA HIS A 354 5.47 -2.80 -14.52
C HIS A 354 4.83 -4.06 -15.10
N MET A 355 5.63 -4.97 -15.64
CA MET A 355 5.03 -6.14 -16.30
C MET A 355 4.23 -7.01 -15.33
N PHE A 356 4.78 -7.32 -14.15
CA PHE A 356 4.01 -8.10 -13.19
C PHE A 356 2.76 -7.38 -12.69
N THR A 357 2.76 -6.04 -12.63
CA THR A 357 1.57 -5.32 -12.19
C THR A 357 0.55 -4.99 -13.29
N ASN A 358 0.87 -5.18 -14.57
CA ASN A 358 0.05 -4.70 -15.70
C ASN A 358 -0.12 -3.18 -15.73
N THR A 359 0.92 -2.45 -15.37
CA THR A 359 0.91 -0.99 -15.36
C THR A 359 1.76 -0.43 -16.50
N PRO A 360 1.33 0.66 -17.14
CA PRO A 360 2.08 1.23 -18.27
C PRO A 360 3.54 1.55 -17.98
N ASN A 361 4.41 1.15 -18.91
CA ASN A 361 5.86 1.21 -18.81
C ASN A 361 6.54 2.20 -19.73
N MET A 362 6.00 2.50 -20.90
CA MET A 362 6.77 3.17 -21.95
C MET A 362 7.24 4.57 -21.55
N LYS A 363 8.47 4.88 -21.95
CA LYS A 363 9.13 6.18 -21.71
C LYS A 363 8.31 7.36 -22.21
N ASP A 364 8.12 8.35 -21.32
CA ASP A 364 7.69 9.69 -21.67
C ASP A 364 8.77 10.50 -22.40
N ASP A 365 9.07 10.14 -23.65
CA ASP A 365 10.17 10.73 -24.42
C ASP A 365 9.64 11.19 -25.77
N ASN A 366 10.42 12.04 -26.44
CA ASN A 366 10.10 12.39 -27.82
C ASN A 366 10.20 11.15 -28.70
N PHE A 367 9.10 10.81 -29.36
CA PHE A 367 9.07 9.63 -30.22
C PHE A 367 8.20 9.89 -31.43
N SER A 368 8.68 9.51 -32.61
CA SER A 368 8.07 9.89 -33.87
C SER A 368 7.36 8.70 -34.51
N GLY A 369 6.23 9.00 -35.16
CA GLY A 369 5.42 8.03 -35.85
C GLY A 369 4.24 7.55 -35.01
N THR A 370 3.38 6.79 -35.68
CA THR A 370 2.26 6.13 -35.00
C THR A 370 2.73 4.87 -34.29
N GLN A 371 2.01 4.54 -33.21
CA GLN A 371 2.24 3.31 -32.44
C GLN A 371 0.96 2.51 -32.37
N SER A 372 1.07 1.20 -32.59
CA SER A 372 -0.09 0.33 -32.42
C SER A 372 -0.40 0.03 -30.95
N GLY A 373 0.54 0.26 -30.04
CA GLY A 373 0.29 0.00 -28.62
C GLY A 373 0.11 -1.46 -28.27
N GLU A 374 0.76 -2.36 -28.99
CA GLU A 374 0.38 -3.77 -28.96
C GLU A 374 0.54 -4.38 -27.56
N ALA A 375 1.62 -4.02 -26.85
CA ALA A 375 1.80 -4.53 -25.50
C ALA A 375 0.73 -4.05 -24.54
N MET A 376 0.29 -2.79 -24.67
CA MET A 376 -0.73 -2.27 -23.75
C MET A 376 -2.06 -2.99 -23.89
N LYS A 377 -2.41 -3.44 -25.09
CA LYS A 377 -3.60 -4.25 -25.25
C LYS A 377 -3.57 -5.52 -24.38
N TYR A 378 -2.44 -6.21 -24.35
CA TYR A 378 -2.31 -7.39 -23.48
C TYR A 378 -2.18 -7.02 -22.00
N LYS A 379 -1.62 -5.85 -21.69
CA LYS A 379 -1.61 -5.41 -20.30
C LYS A 379 -3.03 -5.12 -19.82
N LEU A 380 -3.85 -4.47 -20.64
CA LEU A 380 -5.22 -4.18 -20.26
C LEU A 380 -6.05 -5.45 -20.15
N PHE A 381 -5.80 -6.45 -21.00
CA PHE A 381 -6.41 -7.76 -20.80
C PHE A 381 -6.02 -8.35 -19.44
N GLY A 382 -4.72 -8.41 -19.15
CA GLY A 382 -4.27 -8.96 -17.87
C GLY A 382 -4.83 -8.23 -16.67
N LEU A 383 -4.95 -6.91 -16.77
CA LEU A 383 -5.56 -6.11 -15.70
C LEU A 383 -7.05 -6.42 -15.55
N GLU A 384 -7.78 -6.54 -16.67
CA GLU A 384 -9.21 -6.85 -16.61
C GLU A 384 -9.48 -8.17 -15.90
N GLN A 385 -8.63 -9.19 -16.09
CA GLN A 385 -8.91 -10.46 -15.41
C GLN A 385 -8.88 -10.31 -13.88
N ARG A 386 -7.86 -9.62 -13.36
CA ARG A 386 -7.77 -9.41 -11.92
C ARG A 386 -8.89 -8.50 -11.42
N THR A 387 -9.28 -7.52 -12.23
CA THR A 387 -10.37 -6.64 -11.83
C THR A 387 -11.70 -7.38 -11.74
N LYS A 388 -11.95 -8.30 -12.67
CA LYS A 388 -13.18 -9.08 -12.64
C LYS A 388 -13.25 -10.00 -11.41
N THR A 389 -12.12 -10.57 -11.01
CA THR A 389 -12.11 -11.32 -9.74
C THR A 389 -12.43 -10.40 -8.57
N LYS A 390 -11.81 -9.22 -8.55
CA LYS A 390 -12.06 -8.25 -7.49
C LYS A 390 -13.53 -7.85 -7.44
N GLU A 391 -14.12 -7.59 -8.60
CA GLU A 391 -15.54 -7.25 -8.69
C GLU A 391 -16.44 -8.31 -8.08
N GLY A 392 -16.16 -9.59 -8.34
CA GLY A 392 -16.97 -10.63 -7.71
C GLY A 392 -16.92 -10.59 -6.20
N LEU A 393 -15.71 -10.45 -5.65
CA LEU A 393 -15.61 -10.35 -4.19
C LEU A 393 -16.24 -9.08 -3.64
N PHE A 394 -16.19 -8.00 -4.42
CA PHE A 394 -16.74 -6.72 -3.98
C PHE A 394 -18.26 -6.79 -3.92
N THR A 395 -18.89 -7.41 -4.90
CA THR A 395 -20.34 -7.58 -4.86
C THR A 395 -20.77 -8.47 -3.70
N LYS A 396 -19.98 -9.49 -3.34
CA LYS A 396 -20.32 -10.19 -2.10
C LYS A 396 -20.32 -9.26 -0.89
N GLY A 397 -19.31 -8.39 -0.80
CA GLY A 397 -19.29 -7.44 0.31
C GLY A 397 -20.49 -6.51 0.31
N LEU A 398 -20.88 -6.02 -0.87
CA LEU A 398 -22.04 -5.15 -0.97
C LEU A 398 -23.34 -5.87 -0.63
N ARG A 399 -23.48 -7.15 -1.01
CA ARG A 399 -24.67 -7.90 -0.61
C ARG A 399 -24.80 -7.95 0.91
N ARG A 400 -23.69 -8.19 1.60
CA ARG A 400 -23.79 -8.18 3.06
C ARG A 400 -24.11 -6.78 3.59
N ARG A 401 -23.52 -5.75 3.00
CA ARG A 401 -23.91 -4.38 3.38
C ARG A 401 -25.42 -4.19 3.24
N ALA A 402 -25.98 -4.65 2.13
CA ALA A 402 -27.42 -4.48 1.89
C ALA A 402 -28.25 -5.19 2.94
N LYS A 403 -27.85 -6.40 3.34
CA LYS A 403 -28.65 -7.09 4.35
C LYS A 403 -28.57 -6.38 5.71
N LEU A 404 -27.40 -5.86 6.08
CA LEU A 404 -27.33 -5.06 7.31
C LEU A 404 -28.22 -3.82 7.22
N LEU A 405 -28.13 -3.10 6.11
CA LEU A 405 -28.97 -1.91 5.94
C LEU A 405 -30.45 -2.25 6.05
N GLU A 406 -30.88 -3.29 5.33
CA GLU A 406 -32.27 -3.73 5.38
C GLU A 406 -32.72 -4.03 6.80
N THR A 407 -31.88 -4.75 7.57
CA THR A 407 -32.28 -5.08 8.93
C THR A 407 -32.42 -3.85 9.80
N ILE A 408 -31.46 -2.92 9.71
CA ILE A 408 -31.57 -1.72 10.55
C ILE A 408 -32.74 -0.85 10.12
N LEU A 409 -33.12 -0.89 8.84
CA LEU A 409 -34.33 -0.17 8.43
C LEU A 409 -35.60 -0.83 8.93
N LYS A 410 -35.68 -2.16 8.87
CA LYS A 410 -36.88 -2.85 9.36
C LYS A 410 -37.04 -2.68 10.88
N ASN A 411 -36.00 -2.98 11.65
CA ASN A 411 -36.09 -2.89 13.10
C ASN A 411 -36.16 -1.47 13.61
N THR A 412 -36.23 -0.47 12.74
CA THR A 412 -36.60 0.89 13.15
C THR A 412 -37.74 1.42 12.29
N ARG A 413 -38.48 0.54 11.64
CA ARG A 413 -39.74 0.88 10.97
C ARG A 413 -39.57 1.94 9.89
N SER A 414 -38.39 2.02 9.30
CA SER A 414 -38.18 2.89 8.14
C SER A 414 -38.60 2.24 6.83
N ILE A 415 -38.93 0.96 6.83
CA ILE A 415 -39.24 0.22 5.62
C ILE A 415 -40.27 -0.86 5.95
N ASP A 416 -41.02 -1.29 4.95
CA ASP A 416 -41.93 -2.41 5.12
C ASP A 416 -41.16 -3.72 5.25
N ALA A 417 -41.66 -4.60 6.12
CA ALA A 417 -40.99 -5.86 6.40
C ALA A 417 -40.98 -6.81 5.20
N ASN A 418 -41.81 -6.56 4.19
CA ASN A 418 -41.80 -7.41 2.98
C ASN A 418 -40.71 -7.01 1.98
N LYS A 419 -40.05 -5.87 2.19
CA LYS A 419 -38.95 -5.47 1.31
C LYS A 419 -37.73 -6.34 1.60
N ASP A 420 -37.29 -7.11 0.60
CA ASP A 420 -36.04 -7.86 0.68
C ASP A 420 -35.06 -7.31 -0.35
N PHE A 421 -33.90 -6.84 0.13
CA PHE A 421 -32.94 -6.12 -0.71
C PHE A 421 -32.09 -7.03 -1.58
N ASN A 422 -32.18 -8.34 -1.40
CA ASN A 422 -31.28 -9.28 -2.07
C ASN A 422 -31.47 -9.34 -3.57
N THR A 423 -32.45 -8.66 -4.14
CA THR A 423 -32.65 -8.64 -5.59
C THR A 423 -31.88 -7.52 -6.30
N VAL A 424 -31.24 -6.61 -5.56
CA VAL A 424 -30.48 -5.52 -6.17
C VAL A 424 -29.40 -6.05 -7.09
N ARG A 425 -29.27 -5.43 -8.26
CA ARG A 425 -28.21 -5.67 -9.23
C ARG A 425 -27.21 -4.52 -9.19
N TYR A 426 -25.93 -4.87 -9.10
CA TYR A 426 -24.82 -3.90 -9.08
C TYR A 426 -24.13 -3.90 -10.43
N VAL A 427 -24.11 -2.73 -11.07
CA VAL A 427 -23.59 -2.57 -12.43
C VAL A 427 -22.27 -1.79 -12.36
N TYR A 428 -21.24 -2.32 -13.01
CA TYR A 428 -19.90 -1.76 -13.00
C TYR A 428 -19.53 -1.29 -14.39
N ASN A 429 -18.88 -0.13 -14.48
CA ASN A 429 -18.35 0.37 -15.75
C ASN A 429 -16.87 0.68 -15.61
N ARG A 430 -16.05 -0.04 -16.38
CA ARG A 430 -14.61 0.16 -16.35
C ARG A 430 -14.22 1.53 -16.88
N ASN A 431 -13.24 2.13 -16.23
CA ASN A 431 -12.64 3.41 -16.60
C ASN A 431 -11.36 3.15 -17.40
N LEU A 432 -11.46 3.18 -18.74
CA LEU A 432 -10.28 2.95 -19.57
C LEU A 432 -9.50 4.23 -19.82
N PRO A 433 -8.17 4.15 -19.90
CA PRO A 433 -7.39 5.29 -20.41
C PRO A 433 -7.74 5.60 -21.85
N LYS A 434 -8.10 6.86 -22.10
CA LYS A 434 -8.46 7.29 -23.44
C LYS A 434 -7.95 8.70 -23.67
N SER A 435 -7.64 9.01 -24.92
CA SER A 435 -7.43 10.37 -25.39
C SER A 435 -8.61 10.75 -26.27
N LEU A 436 -9.20 11.91 -26.01
CA LEU A 436 -10.46 12.26 -26.66
C LEU A 436 -10.31 12.46 -28.16
N ILE A 437 -9.13 12.86 -28.64
CA ILE A 437 -8.96 13.06 -30.08
C ILE A 437 -8.96 11.73 -30.82
N GLU A 438 -8.23 10.73 -30.31
CA GLU A 438 -8.27 9.40 -30.91
C GLU A 438 -9.68 8.84 -30.92
N GLU A 439 -10.39 8.95 -29.79
CA GLU A 439 -11.74 8.41 -29.72
C GLU A 439 -12.66 9.14 -30.70
N LEU A 440 -12.55 10.46 -30.77
CA LEU A 440 -13.39 11.22 -31.68
C LEU A 440 -13.13 10.83 -33.14
N LYS A 441 -11.86 10.72 -33.53
CA LYS A 441 -11.55 10.30 -34.90
C LYS A 441 -12.05 8.89 -35.19
N ALA A 442 -11.84 7.95 -34.27
CA ALA A 442 -12.32 6.59 -34.49
C ALA A 442 -13.84 6.54 -34.57
N TYR A 443 -14.52 7.36 -33.77
CA TYR A 443 -15.96 7.46 -33.83
C TYR A 443 -16.45 8.00 -35.17
N ILE A 444 -15.81 9.05 -35.67
CA ILE A 444 -16.27 9.68 -36.91
C ILE A 444 -15.86 8.90 -38.15
N ASP A 445 -14.70 8.26 -38.14
CA ASP A 445 -14.39 7.28 -39.18
C ASP A 445 -15.40 6.15 -39.23
N SER A 446 -16.08 5.88 -38.12
CA SER A 446 -17.03 4.79 -38.03
C SER A 446 -18.47 5.23 -38.27
N GLY A 447 -18.67 6.42 -38.85
CA GLY A 447 -19.99 6.85 -39.21
C GLY A 447 -20.83 7.37 -38.07
N GLY A 448 -20.22 7.72 -36.94
CA GLY A 448 -20.94 8.36 -35.87
C GLY A 448 -21.33 9.80 -36.22
N LYS A 449 -22.35 10.29 -35.51
CA LYS A 449 -22.75 11.68 -35.58
C LYS A 449 -22.73 12.29 -34.18
N ILE A 450 -22.50 13.60 -34.12
CA ILE A 450 -22.54 14.35 -32.88
C ILE A 450 -23.24 15.67 -33.13
N SER A 451 -24.06 16.10 -32.18
CA SER A 451 -24.64 17.44 -32.22
C SER A 451 -23.57 18.49 -32.06
N GLN A 452 -23.81 19.67 -32.64
CA GLN A 452 -22.90 20.78 -32.47
C GLN A 452 -22.67 21.10 -30.99
N THR A 453 -23.74 21.10 -30.20
CA THR A 453 -23.64 21.42 -28.78
C THR A 453 -22.66 20.50 -28.05
N THR A 454 -22.76 19.19 -28.29
CA THR A 454 -21.88 18.25 -27.59
C THR A 454 -20.46 18.32 -28.13
N LEU A 455 -20.31 18.46 -29.44
CA LEU A 455 -18.97 18.61 -30.00
C LEU A 455 -18.29 19.83 -29.42
N MET A 456 -19.01 20.95 -29.31
CA MET A 456 -18.47 22.14 -28.68
C MET A 456 -18.26 21.96 -27.18
N SER A 457 -18.91 20.98 -26.56
CA SER A 457 -18.64 20.72 -25.15
C SER A 457 -17.42 19.84 -24.95
N LEU A 458 -16.93 19.18 -26.01
CA LEU A 458 -15.67 18.47 -25.88
C LEU A 458 -14.45 19.40 -25.95
N PHE A 459 -14.57 20.55 -26.59
CA PHE A 459 -13.43 21.46 -26.79
C PHE A 459 -13.63 22.74 -25.99
N SER A 460 -12.65 23.06 -25.15
CA SER A 460 -12.80 24.11 -24.16
C SER A 460 -12.68 25.53 -24.71
N PHE A 461 -12.13 25.70 -25.91
CA PHE A 461 -11.94 27.06 -26.43
C PHE A 461 -13.27 27.76 -26.75
N PHE A 462 -14.38 27.05 -26.74
CA PHE A 462 -15.71 27.67 -26.76
C PHE A 462 -16.04 28.21 -25.38
N GLN A 463 -15.88 29.52 -25.21
CA GLN A 463 -16.03 30.15 -23.90
C GLN A 463 -17.46 30.07 -23.36
N ASP A 464 -18.47 30.12 -24.24
CA ASP A 464 -19.85 29.87 -23.84
C ASP A 464 -20.62 29.38 -25.06
N PRO A 465 -20.68 28.06 -25.27
CA PRO A 465 -21.12 27.55 -26.58
C PRO A 465 -22.62 27.70 -26.84
N GLU A 466 -23.45 27.93 -25.83
CA GLU A 466 -24.86 28.19 -26.09
C GLU A 466 -25.08 29.40 -26.98
N LEU A 467 -24.15 30.35 -26.95
CA LEU A 467 -24.21 31.50 -27.86
C LEU A 467 -23.72 31.15 -29.26
N GLU A 468 -22.81 30.16 -29.37
CA GLU A 468 -22.13 29.91 -30.64
C GLU A 468 -23.09 29.42 -31.71
N VAL A 469 -24.04 28.56 -31.36
CA VAL A 469 -25.00 28.09 -32.36
C VAL A 469 -25.79 29.25 -32.95
N LYS A 470 -26.16 30.22 -32.11
CA LYS A 470 -26.86 31.40 -32.59
C LYS A 470 -25.97 32.23 -33.50
N LYS A 471 -24.73 32.49 -33.08
CA LYS A 471 -23.81 33.23 -33.94
C LYS A 471 -23.57 32.51 -35.27
N ILE A 472 -23.60 31.18 -35.27
CA ILE A 472 -23.45 30.42 -36.51
C ILE A 472 -24.65 30.65 -37.42
N GLU A 473 -25.85 30.55 -36.88
CA GLU A 473 -27.03 30.84 -37.69
C GLU A 473 -27.04 32.28 -38.19
N GLU A 474 -26.51 33.20 -37.39
CA GLU A 474 -26.35 34.58 -37.82
C GLU A 474 -25.36 34.71 -38.96
N ASP A 475 -24.45 33.75 -39.13
CA ASP A 475 -23.60 33.69 -40.32
C ASP A 475 -24.24 32.91 -41.46
N GLU A 476 -25.49 32.45 -41.30
CA GLU A 476 -26.17 31.71 -42.35
C GLU A 476 -27.62 32.17 -42.47
#